data_8WS5
#
_entry.id   8WS5
#
loop_
_entity.id
_entity.type
_entity.pdbx_description
1 polymer Cas12-1-N2
2 polymer TS
3 polymer crRNA
4 polymer NTS
#
loop_
_entity_poly.entity_id
_entity_poly.type
_entity_poly.pdbx_seq_one_letter_code
_entity_poly.pdbx_strand_id
1 'polypeptide(L)'
;FCPPAKVNILAQSRPLSEWPINLVSKGVQEYVYGLTAAEREANGDFGTSRKSLDRWFARTGVPTHGYTTVQGLNLILRHT
FNRYDGVIKKVETRNEKRRSKATRINVSREADGLPPIEAEPEETAFGPDGKLKERPGINPSIYCYQQVSPVPYNPAKHPA
LPFSGVDPGAPLPLGTPNRLSIPKGQPGYVPEWQRPHLSTKNKRIRKWYARANWRRKPGRKSVLDEAKLKEAALKEAIPI
IVTIGKDWIVMDARGLLRAVYWRGIAKPGLSLKELLGFFSGDPVLDPKRGIATFTFKLGA
;
A
2 'polydeoxyribonucleotide'
;(DC)(DT)(DG)(DC)(DC)(DC)(DT)(DT)(DG)(DC)(DA)(DA)(DC)(DT)(DT)(DC)(DA)(DG)(DC)(DA)
(DG)(DC)(DA)(DC)(DG)(DT)(DA)(DG)(DG)(DG)(DG)(DA)(DG)(DA)(DA)(DT)(DT)(DG)(DG)(DC)
(DC)(DA)
;
C
3 'polyribonucleotide' UCAACGCUUGCUCGGUUCGCCGAGACUCCCCUACGUGCUGCUGAAG B
4 'polydeoxyribonucleotide'
;(DT)(DG)(DG)(DC)(DC)(DA)(DA)(DT)(DT)(DC)(DT)(DC)(DC)(DC)(DC)(DT)(DA)(DC)(DG)(DT)
(DG)(DC)(DT)(DG)(DC)(DT)(DG)(DA)(DA)(DG)(DT)(DT)(DG)(DC)(DA)(DA)(DG)(DG)(DG)(DC)
(DA)(DG)
;
D
#
loop_
_chem_comp.id
_chem_comp.type
_chem_comp.name
_chem_comp.formula
A RNA linking ADENOSINE-5'-MONOPHOSPHATE 'C10 H14 N5 O7 P'
C RNA linking CYTIDINE-5'-MONOPHOSPHATE 'C9 H14 N3 O8 P'
DA DNA linking 2'-DEOXYADENOSINE-5'-MONOPHOSPHATE 'C10 H14 N5 O6 P'
DC DNA linking 2'-DEOXYCYTIDINE-5'-MONOPHOSPHATE 'C9 H14 N3 O7 P'
DG DNA linking 2'-DEOXYGUANOSINE-5'-MONOPHOSPHATE 'C10 H14 N5 O7 P'
DT DNA linking THYMIDINE-5'-MONOPHOSPHATE 'C10 H15 N2 O8 P'
G RNA linking GUANOSINE-5'-MONOPHOSPHATE 'C10 H14 N5 O8 P'
U RNA linking URIDINE-5'-MONOPHOSPHATE 'C9 H13 N2 O9 P'
#
# COMPACT_ATOMS: atom_id res chain seq x y z
N CYS A 2 1.03 -6.83 12.89
CA CYS A 2 0.08 -6.12 12.04
C CYS A 2 0.01 -6.74 10.64
N PRO A 3 -0.61 -7.91 10.53
CA PRO A 3 -0.64 -8.60 9.24
C PRO A 3 -1.46 -7.84 8.22
N PRO A 4 -1.21 -8.05 6.93
CA PRO A 4 -1.91 -7.28 5.90
C PRO A 4 -3.14 -7.97 5.34
N ALA A 5 -3.86 -7.27 4.47
CA ALA A 5 -5.00 -7.82 3.75
C ALA A 5 -5.15 -7.07 2.44
N LYS A 6 -5.87 -7.68 1.51
CA LYS A 6 -5.99 -7.16 0.16
C LYS A 6 -7.44 -6.92 -0.19
N VAL A 7 -7.70 -5.84 -0.93
CA VAL A 7 -9.02 -5.53 -1.45
C VAL A 7 -8.87 -5.19 -2.92
N ASN A 8 -9.73 -5.75 -3.75
CA ASN A 8 -9.70 -5.48 -5.18
C ASN A 8 -10.62 -4.30 -5.47
N ILE A 9 -10.06 -3.24 -6.04
CA ILE A 9 -10.84 -2.04 -6.33
C ILE A 9 -11.88 -2.36 -7.38
N LEU A 10 -13.14 -2.03 -7.10
CA LEU A 10 -14.23 -2.31 -8.02
C LEU A 10 -14.60 -1.11 -8.88
N ALA A 11 -14.74 0.07 -8.30
CA ALA A 11 -15.21 1.22 -9.07
C ALA A 11 -14.40 2.44 -8.69
N GLN A 12 -14.24 3.34 -9.66
CA GLN A 12 -13.46 4.56 -9.45
C GLN A 12 -13.88 5.56 -10.53
N SER A 13 -13.78 6.85 -10.23
CA SER A 13 -14.12 7.89 -11.19
C SER A 13 -13.09 7.98 -12.30
N ARG A 14 -11.84 8.28 -11.94
CA ARG A 14 -10.74 8.43 -12.88
C ARG A 14 -9.50 7.78 -12.26
N PRO A 15 -8.56 7.32 -13.08
CA PRO A 15 -7.50 6.44 -12.58
C PRO A 15 -6.74 7.04 -11.41
N LEU A 16 -6.18 6.15 -10.57
CA LEU A 16 -5.48 6.58 -9.36
C LEU A 16 -4.32 7.51 -9.67
N SER A 17 -3.61 7.29 -10.78
CA SER A 17 -2.40 8.06 -11.09
C SER A 17 -2.69 9.53 -11.35
N GLU A 18 -3.93 9.89 -11.65
CA GLU A 18 -4.30 11.27 -11.93
C GLU A 18 -4.80 11.99 -10.68
N TRP A 19 -4.80 11.32 -9.54
CA TRP A 19 -5.21 11.93 -8.28
C TRP A 19 -4.23 13.03 -7.87
N PRO A 20 -4.71 14.10 -7.23
CA PRO A 20 -3.78 15.11 -6.71
C PRO A 20 -2.77 14.57 -5.72
N ILE A 21 -3.16 13.61 -4.90
CA ILE A 21 -2.22 13.01 -3.96
C ILE A 21 -1.05 12.33 -4.69
N ASN A 22 -1.34 11.53 -5.71
CA ASN A 22 -0.28 10.86 -6.46
C ASN A 22 0.60 11.88 -7.19
N LEU A 23 -0.01 12.89 -7.81
CA LEU A 23 0.75 13.90 -8.54
C LEU A 23 1.69 14.66 -7.62
N VAL A 24 1.17 15.12 -6.47
CA VAL A 24 1.99 15.92 -5.57
C VAL A 24 3.09 15.06 -4.95
N SER A 25 2.78 13.80 -4.64
CA SER A 25 3.80 12.90 -4.12
C SER A 25 4.91 12.77 -5.13
N LYS A 26 4.55 12.43 -6.37
CA LYS A 26 5.57 12.22 -7.40
C LYS A 26 6.39 13.49 -7.65
N GLY A 27 5.76 14.66 -7.59
CA GLY A 27 6.51 15.90 -7.75
C GLY A 27 7.50 16.13 -6.62
N VAL A 28 7.04 15.94 -5.38
CA VAL A 28 7.92 16.09 -4.23
C VAL A 28 9.11 15.15 -4.34
N GLN A 29 8.87 13.91 -4.75
CA GLN A 29 9.96 12.96 -4.87
C GLN A 29 10.90 13.30 -6.02
N GLU A 30 10.37 13.70 -7.17
CA GLU A 30 11.22 14.09 -8.29
C GLU A 30 12.04 15.34 -7.98
N TYR A 31 11.57 16.21 -7.10
CA TYR A 31 12.34 17.37 -6.70
C TYR A 31 13.40 17.02 -5.67
N VAL A 32 13.01 16.35 -4.58
CA VAL A 32 13.95 16.03 -3.53
C VAL A 32 15.04 15.10 -4.05
N TYR A 33 14.66 14.10 -4.83
CA TYR A 33 15.59 13.07 -5.27
C TYR A 33 16.57 13.68 -6.25
N GLY A 34 17.79 13.86 -5.77
CA GLY A 34 18.86 14.53 -6.48
C GLY A 34 18.97 15.93 -5.94
N LEU A 35 19.84 16.10 -4.95
CA LEU A 35 20.02 17.37 -4.25
C LEU A 35 21.33 17.27 -3.50
N THR A 36 22.21 18.23 -3.71
CA THR A 36 23.50 18.20 -3.03
C THR A 36 23.28 18.20 -1.52
N ALA A 37 24.20 17.56 -0.80
CA ALA A 37 24.01 17.35 0.63
C ALA A 37 23.80 18.65 1.39
N ALA A 38 24.31 19.77 0.87
CA ALA A 38 24.09 21.07 1.48
C ALA A 38 22.83 21.76 0.94
N GLU A 39 22.17 21.19 -0.04
CA GLU A 39 20.92 21.77 -0.52
C GLU A 39 19.74 21.20 0.26
N ARG A 40 19.81 19.93 0.62
CA ARG A 40 18.74 19.29 1.39
C ARG A 40 18.63 19.81 2.82
N GLU A 41 19.70 20.42 3.35
CA GLU A 41 19.65 21.05 4.66
C GLU A 41 18.80 22.31 4.63
N ALA A 42 19.01 23.16 3.64
CA ALA A 42 18.21 24.38 3.51
C ALA A 42 16.76 24.04 3.20
N ASN A 43 16.54 23.07 2.32
CA ASN A 43 15.18 22.74 1.91
C ASN A 43 14.56 21.66 2.78
N GLY A 44 15.32 21.07 3.69
CA GLY A 44 14.75 20.11 4.62
C GLY A 44 14.24 20.76 5.89
N THR A 48 5.33 20.09 10.93
CA THR A 48 3.92 19.73 10.83
C THR A 48 3.13 21.00 11.09
N SER A 49 2.75 21.69 10.02
CA SER A 49 2.03 22.94 10.19
C SER A 49 1.38 23.31 8.88
N ARG A 50 0.27 24.02 8.96
CA ARG A 50 -0.29 24.65 7.76
C ARG A 50 0.65 25.72 7.24
N LYS A 51 1.26 26.50 8.13
CA LYS A 51 2.15 27.58 7.70
C LYS A 51 3.49 27.07 7.20
N SER A 52 4.05 26.05 7.87
CA SER A 52 5.35 25.53 7.44
C SER A 52 5.26 24.92 6.05
N LEU A 53 4.30 24.02 5.86
CA LEU A 53 4.08 23.42 4.54
C LEU A 53 3.12 24.28 3.71
N ASP A 54 3.41 25.58 3.74
CA ASP A 54 2.88 26.54 2.78
C ASP A 54 3.96 27.53 2.39
N ARG A 55 5.07 27.56 3.12
CA ARG A 55 6.30 28.18 2.66
C ARG A 55 7.27 27.15 2.08
N TRP A 56 7.19 25.90 2.52
CA TRP A 56 8.03 24.85 1.93
C TRP A 56 7.67 24.66 0.46
N PHE A 57 6.39 24.82 0.14
CA PHE A 57 5.88 24.71 -1.22
C PHE A 57 6.07 26.00 -2.02
N ALA A 58 6.80 26.96 -1.49
CA ALA A 58 7.20 28.16 -2.22
C ALA A 58 8.72 28.32 -2.30
N ARG A 59 9.43 27.99 -1.22
CA ARG A 59 10.90 27.93 -1.27
C ARG A 59 11.35 26.89 -2.29
N THR A 60 10.83 25.68 -2.17
CA THR A 60 11.02 24.67 -3.19
C THR A 60 10.03 24.88 -4.32
N GLY A 61 10.48 24.63 -5.54
CA GLY A 61 9.61 24.72 -6.69
C GLY A 61 8.80 23.46 -6.90
N VAL A 62 8.12 23.00 -5.86
CA VAL A 62 7.25 21.82 -5.97
C VAL A 62 5.81 22.32 -5.97
N PRO A 63 5.14 22.35 -7.12
CA PRO A 63 3.77 22.83 -7.15
C PRO A 63 2.83 21.88 -6.44
N THR A 64 1.82 22.45 -5.80
CA THR A 64 0.70 21.70 -5.25
C THR A 64 -0.47 21.78 -6.21
N HIS A 65 -1.13 20.66 -6.45
CA HIS A 65 -2.18 20.60 -7.45
C HIS A 65 -3.56 20.86 -6.88
N GLY A 66 -3.63 21.49 -5.71
CA GLY A 66 -4.91 21.75 -5.06
C GLY A 66 -5.05 20.88 -3.84
N TYR A 67 -3.92 20.53 -3.24
CA TYR A 67 -3.86 19.55 -2.18
C TYR A 67 -3.05 20.14 -1.02
N THR A 68 -3.73 20.79 -0.09
CA THR A 68 -3.12 21.33 1.12
C THR A 68 -3.73 20.60 2.30
N THR A 69 -3.15 19.47 2.64
CA THR A 69 -3.65 18.68 3.77
C THR A 69 -2.44 18.28 4.58
N VAL A 70 -2.41 18.64 5.85
CA VAL A 70 -1.28 18.30 6.72
C VAL A 70 -1.13 16.79 6.80
N GLN A 71 -2.22 16.08 7.07
CA GLN A 71 -2.15 14.63 7.10
C GLN A 71 -1.82 14.06 5.74
N GLY A 72 -2.03 14.83 4.67
CA GLY A 72 -1.76 14.37 3.33
C GLY A 72 -0.43 14.88 2.80
N LEU A 73 0.10 15.95 3.34
CA LEU A 73 1.43 16.41 2.90
C LEU A 73 2.59 15.86 3.72
N ASN A 74 2.48 15.87 5.04
CA ASN A 74 3.61 15.46 5.89
C ASN A 74 4.09 14.04 5.57
N LEU A 75 3.17 13.11 5.32
CA LEU A 75 3.52 11.74 4.99
C LEU A 75 4.57 11.66 3.88
N ILE A 76 4.27 12.19 2.71
CA ILE A 76 5.23 12.16 1.61
C ILE A 76 6.54 12.73 2.07
N LEU A 77 6.49 13.85 2.81
CA LEU A 77 7.71 14.53 3.20
C LEU A 77 8.48 13.78 4.27
N ARG A 78 7.80 12.87 4.97
CA ARG A 78 8.45 12.08 5.99
C ARG A 78 9.13 10.90 5.31
N HIS A 79 8.44 10.29 4.34
CA HIS A 79 9.02 9.13 3.68
C HIS A 79 10.17 9.53 2.76
N THR A 80 9.98 10.58 1.96
CA THR A 80 10.99 10.97 0.98
C THR A 80 12.33 11.21 1.65
N PHE A 81 12.33 12.04 2.69
CA PHE A 81 13.59 12.45 3.32
C PHE A 81 14.18 11.35 4.19
N ASN A 82 13.37 10.36 4.58
CA ASN A 82 13.94 9.19 5.25
C ASN A 82 14.57 8.24 4.25
N ARG A 83 13.99 8.11 3.04
CA ARG A 83 14.65 7.34 1.99
C ARG A 83 15.94 7.99 1.56
N TYR A 84 15.94 9.31 1.35
CA TYR A 84 17.14 9.98 0.84
C TYR A 84 18.29 9.79 1.81
N ASP A 85 17.97 9.49 3.07
CA ASP A 85 18.97 9.33 4.10
C ASP A 85 19.24 7.87 4.38
N GLY A 86 18.33 6.97 4.03
CA GLY A 86 18.62 5.55 4.04
C GLY A 86 19.56 5.17 2.91
N VAL A 87 19.46 5.90 1.79
CA VAL A 87 20.42 5.68 0.71
C VAL A 87 21.83 6.04 1.17
N ILE A 88 21.97 7.15 1.88
CA ILE A 88 23.25 7.50 2.46
C ILE A 88 23.59 6.55 3.60
N LYS A 89 22.58 5.99 4.25
CA LYS A 89 22.79 5.08 5.37
C LYS A 89 23.39 3.75 4.90
N LYS A 90 23.04 3.31 3.69
CA LYS A 90 23.63 2.08 3.17
C LYS A 90 25.14 2.28 2.97
N VAL A 91 25.53 3.41 2.40
CA VAL A 91 26.94 3.71 2.19
C VAL A 91 27.65 3.88 3.53
N GLU A 92 27.03 4.60 4.46
CA GLU A 92 27.62 4.83 5.76
C GLU A 92 27.79 3.54 6.57
N THR A 93 26.82 2.63 6.53
CA THR A 93 26.95 1.35 7.22
C THR A 93 27.99 0.45 6.57
N ARG A 94 28.06 0.43 5.24
CA ARG A 94 29.14 -0.33 4.60
C ARG A 94 30.50 0.26 4.95
N ASN A 95 30.61 1.59 4.99
CA ASN A 95 31.84 2.21 5.43
C ASN A 95 32.15 1.88 6.88
N GLU A 96 31.12 1.80 7.73
CA GLU A 96 31.32 1.43 9.11
C GLU A 96 31.85 0.00 9.23
N LYS A 97 31.31 -0.91 8.43
CA LYS A 97 31.84 -2.28 8.41
C LYS A 97 33.26 -2.30 7.87
N ARG A 98 33.57 -1.44 6.91
CA ARG A 98 34.93 -1.35 6.40
C ARG A 98 35.89 -0.88 7.48
N ARG A 99 35.47 0.12 8.26
CA ARG A 99 36.28 0.58 9.38
C ARG A 99 36.41 -0.49 10.46
N SER A 100 35.37 -1.28 10.67
CA SER A 100 35.46 -2.42 11.58
C SER A 100 36.46 -3.46 11.07
N LYS A 101 36.47 -3.72 9.77
CA LYS A 101 37.47 -4.62 9.21
C LYS A 101 38.88 -4.07 9.37
N ALA A 102 39.02 -2.76 9.20
CA ALA A 102 40.31 -2.12 9.44
C ALA A 102 40.73 -2.29 10.90
N THR A 103 39.78 -2.18 11.82
CA THR A 103 40.08 -2.39 13.23
C THR A 103 40.51 -3.83 13.44
N ARG A 104 39.78 -4.77 12.82
CA ARG A 104 40.10 -6.19 12.99
C ARG A 104 41.52 -6.50 12.53
N ILE A 105 41.91 -5.99 11.36
CA ILE A 105 43.27 -6.24 10.89
C ILE A 105 44.28 -5.48 11.75
N ASN A 106 43.92 -4.30 12.26
CA ASN A 106 44.82 -3.55 13.12
C ASN A 106 45.10 -4.30 14.42
N VAL A 107 44.09 -4.97 14.97
CA VAL A 107 44.27 -5.73 16.20
C VAL A 107 45.43 -6.69 16.00
N SER A 108 45.35 -7.51 14.97
CA SER A 108 46.46 -8.41 14.65
C SER A 108 47.73 -7.65 14.32
N ARG A 109 47.60 -6.42 13.82
CA ARG A 109 48.77 -5.59 13.49
C ARG A 109 49.60 -5.26 14.72
N GLU A 110 48.95 -4.86 15.82
CA GLU A 110 49.72 -4.60 17.03
C GLU A 110 50.33 -5.88 17.59
N ALA A 111 49.60 -6.99 17.50
CA ALA A 111 50.14 -8.27 17.98
C ALA A 111 51.39 -8.65 17.20
N ASP A 112 51.38 -8.45 15.88
CA ASP A 112 52.57 -8.70 15.09
C ASP A 112 53.65 -7.65 15.34
N GLY A 113 53.25 -6.42 15.66
CA GLY A 113 54.19 -5.35 15.91
C GLY A 113 54.59 -4.55 14.68
N LEU A 114 54.14 -4.95 13.49
CA LEU A 114 54.47 -4.24 12.28
C LEU A 114 53.67 -2.94 12.18
N PRO A 115 54.16 -1.97 11.41
CA PRO A 115 53.37 -0.76 11.19
C PRO A 115 52.09 -1.08 10.46
N PRO A 116 51.04 -0.29 10.66
CA PRO A 116 49.75 -0.58 10.02
C PRO A 116 49.86 -0.56 8.50
N ILE A 117 49.13 -1.47 7.86
CA ILE A 117 49.15 -1.58 6.41
C ILE A 117 48.14 -0.59 5.80
N GLU A 118 48.28 -0.37 4.50
CA GLU A 118 47.39 0.55 3.80
C GLU A 118 45.96 0.02 3.81
N ALA A 119 45.00 0.93 3.90
CA ALA A 119 43.59 0.60 3.97
C ALA A 119 42.89 1.08 2.70
N GLU A 120 41.90 0.30 2.26
CA GLU A 120 41.17 0.62 1.06
C GLU A 120 40.36 1.90 1.25
N PRO A 121 40.14 2.67 0.18
CA PRO A 121 39.35 3.90 0.31
C PRO A 121 37.87 3.61 0.50
N GLU A 122 37.11 4.63 0.92
CA GLU A 122 35.68 4.52 1.18
C GLU A 122 34.90 5.11 0.01
N GLU A 123 33.58 5.09 0.13
CA GLU A 123 32.70 5.55 -0.92
C GLU A 123 31.65 6.50 -0.34
N THR A 124 31.00 7.24 -1.24
CA THR A 124 29.86 8.08 -0.88
C THR A 124 28.69 7.76 -1.79
N ALA A 125 27.58 8.47 -1.63
CA ALA A 125 26.42 8.33 -2.49
C ALA A 125 26.28 9.48 -3.48
N PHE A 126 27.19 10.45 -3.43
CA PHE A 126 27.18 11.59 -4.33
C PHE A 126 28.40 11.52 -5.24
N GLY A 127 28.22 11.92 -6.50
CA GLY A 127 29.31 11.99 -7.44
C GLY A 127 29.99 13.34 -7.40
N PRO A 128 30.74 13.67 -8.46
CA PRO A 128 31.47 14.94 -8.46
C PRO A 128 30.62 16.15 -8.81
N ASP A 129 29.47 15.96 -9.45
CA ASP A 129 28.62 17.09 -9.85
C ASP A 129 27.76 17.62 -8.71
N GLY A 130 27.75 16.95 -7.56
CA GLY A 130 26.92 17.34 -6.44
C GLY A 130 25.59 16.62 -6.36
N LYS A 131 25.19 15.95 -7.43
CA LYS A 131 23.94 15.20 -7.43
C LYS A 131 24.13 13.79 -6.89
N LEU A 132 23.05 13.17 -6.44
CA LEU A 132 23.12 11.81 -5.91
C LEU A 132 23.47 10.80 -6.98
N LYS A 133 24.21 9.75 -6.61
CA LYS A 133 24.53 8.69 -7.55
C LYS A 133 23.43 7.65 -7.59
N GLU A 134 23.16 6.98 -6.47
CA GLU A 134 22.05 6.04 -6.46
C GLU A 134 20.77 6.81 -6.18
N ARG A 135 20.21 7.42 -7.23
CA ARG A 135 18.98 8.18 -7.07
C ARG A 135 17.79 7.25 -6.96
N PRO A 136 17.05 7.35 -5.86
CA PRO A 136 15.91 6.45 -5.66
C PRO A 136 14.74 6.74 -6.58
N GLY A 137 14.10 5.70 -7.08
CA GLY A 137 12.96 5.85 -7.96
C GLY A 137 11.72 6.32 -7.21
N ILE A 138 10.71 6.67 -7.98
CA ILE A 138 9.49 7.24 -7.42
C ILE A 138 8.58 6.11 -6.96
N ASN A 139 8.30 6.07 -5.67
CA ASN A 139 7.31 5.16 -5.13
C ASN A 139 5.92 5.62 -5.58
N PRO A 140 5.12 4.78 -6.22
CA PRO A 140 3.79 5.21 -6.67
C PRO A 140 2.66 5.03 -5.67
N SER A 141 2.97 4.73 -4.41
CA SER A 141 1.94 4.41 -3.44
C SER A 141 1.14 5.65 -3.08
N ILE A 142 -0.18 5.53 -3.15
CA ILE A 142 -1.09 6.59 -2.76
C ILE A 142 -1.57 6.26 -1.35
N TYR A 143 -0.85 6.77 -0.36
CA TYR A 143 -1.20 6.50 1.02
C TYR A 143 -2.47 7.24 1.42
N CYS A 144 -3.24 6.62 2.30
CA CYS A 144 -4.46 7.21 2.84
C CYS A 144 -4.29 7.51 4.32
N TYR A 145 -4.99 8.54 4.79
CA TYR A 145 -4.76 9.10 6.11
C TYR A 145 -6.05 9.08 6.92
N GLN A 146 -6.00 9.65 8.12
CA GLN A 146 -7.07 9.46 9.10
C GLN A 146 -8.38 10.10 8.62
N GLN A 147 -8.33 11.35 8.16
CA GLN A 147 -9.58 12.03 7.85
C GLN A 147 -10.21 11.51 6.59
N VAL A 148 -9.45 10.75 5.79
CA VAL A 148 -9.99 10.10 4.59
C VAL A 148 -9.75 8.62 4.81
N SER A 149 -10.72 7.94 5.38
CA SER A 149 -10.59 6.55 5.78
C SER A 149 -11.64 5.71 5.07
N PRO A 150 -11.49 4.38 5.05
CA PRO A 150 -12.54 3.54 4.47
C PRO A 150 -13.86 3.67 5.23
N VAL A 151 -14.85 4.26 4.56
CA VAL A 151 -16.20 4.40 5.09
C VAL A 151 -17.08 3.39 4.35
N PRO A 152 -18.11 2.82 4.98
CA PRO A 152 -19.05 1.99 4.22
C PRO A 152 -19.78 2.78 3.15
N TYR A 153 -20.67 2.12 2.42
CA TYR A 153 -21.38 2.74 1.31
C TYR A 153 -22.81 3.04 1.72
N ASN A 154 -23.22 4.29 1.57
CA ASN A 154 -24.59 4.73 1.81
C ASN A 154 -25.06 5.51 0.60
N PRO A 155 -25.92 4.95 -0.24
CA PRO A 155 -26.27 5.63 -1.50
C PRO A 155 -26.91 7.00 -1.32
N ALA A 156 -27.37 7.33 -0.11
CA ALA A 156 -27.90 8.66 0.14
C ALA A 156 -26.81 9.72 0.08
N LYS A 157 -25.62 9.39 0.58
CA LYS A 157 -24.53 10.36 0.71
C LYS A 157 -23.57 10.32 -0.47
N HIS A 158 -23.06 9.14 -0.78
CA HIS A 158 -22.11 8.97 -1.88
C HIS A 158 -22.76 9.08 -3.26
N PRO A 159 -21.96 9.35 -4.31
CA PRO A 159 -22.52 9.52 -5.66
C PRO A 159 -23.20 8.30 -6.26
N ALA A 160 -24.26 8.50 -7.04
CA ALA A 160 -24.99 7.39 -7.66
C ALA A 160 -24.10 6.46 -8.47
N LEU A 161 -24.29 5.15 -8.32
CA LEU A 161 -23.47 4.17 -9.00
C LEU A 161 -24.14 2.80 -8.88
N PRO A 162 -24.01 1.90 -9.86
CA PRO A 162 -24.63 0.58 -9.69
C PRO A 162 -23.89 -0.26 -8.66
N PHE A 163 -24.48 -0.34 -7.47
CA PHE A 163 -23.95 -1.07 -6.33
C PHE A 163 -25.09 -1.30 -5.36
N SER A 164 -24.81 -1.94 -4.23
CA SER A 164 -25.83 -2.17 -3.22
C SER A 164 -25.14 -2.32 -1.86
N GLY A 165 -25.11 -1.25 -1.07
CA GLY A 165 -24.42 -1.28 0.21
C GLY A 165 -25.27 -1.63 1.41
N VAL A 166 -24.79 -2.57 2.22
CA VAL A 166 -25.52 -2.98 3.43
C VAL A 166 -25.44 -1.97 4.55
N ASP A 167 -26.39 -2.03 5.48
CA ASP A 167 -26.41 -1.09 6.61
C ASP A 167 -25.20 -1.26 7.52
N PRO A 168 -24.69 -0.13 8.06
CA PRO A 168 -23.53 -0.18 8.96
C PRO A 168 -23.59 -1.32 9.97
N GLY A 169 -24.68 -1.47 10.70
CA GLY A 169 -24.83 -2.59 11.61
C GLY A 169 -25.85 -3.63 11.18
N ALA A 170 -25.36 -4.81 10.81
CA ALA A 170 -26.12 -6.02 10.56
C ALA A 170 -25.13 -7.17 10.35
N PRO A 171 -25.33 -8.33 10.98
CA PRO A 171 -24.44 -9.46 10.71
C PRO A 171 -24.46 -9.83 9.24
N LEU A 172 -23.28 -9.81 8.60
CA LEU A 172 -23.21 -9.94 7.16
C LEU A 172 -23.69 -11.34 6.73
N PRO A 173 -24.23 -11.44 5.52
CA PRO A 173 -24.74 -12.73 5.04
C PRO A 173 -23.67 -13.80 5.07
N LEU A 174 -24.06 -15.02 5.46
CA LEU A 174 -23.13 -16.14 5.51
C LEU A 174 -23.27 -16.97 4.23
N PRO A 187 -27.26 -23.34 -10.53
CA PRO A 187 -26.05 -22.82 -9.89
C PRO A 187 -25.73 -23.52 -8.57
N GLY A 188 -24.53 -24.08 -8.47
CA GLY A 188 -24.13 -24.80 -7.27
C GLY A 188 -24.97 -26.02 -7.00
N TYR A 189 -25.25 -26.81 -8.04
CA TYR A 189 -26.17 -27.94 -7.87
C TYR A 189 -25.55 -29.07 -7.06
N VAL A 190 -24.23 -29.18 -7.04
CA VAL A 190 -23.48 -30.28 -6.44
C VAL A 190 -24.12 -31.62 -6.80
N PRO A 191 -23.93 -32.09 -8.03
CA PRO A 191 -24.71 -33.24 -8.55
C PRO A 191 -24.48 -34.52 -7.73
N GLU A 192 -25.39 -35.47 -7.96
CA GLU A 192 -25.50 -36.63 -7.07
C GLU A 192 -24.24 -37.46 -7.06
N TRP A 193 -23.54 -37.55 -8.20
CA TRP A 193 -22.30 -38.33 -8.22
C TRP A 193 -21.16 -37.57 -7.56
N GLN A 194 -21.36 -36.30 -7.21
CA GLN A 194 -20.38 -35.48 -6.50
C GLN A 194 -20.55 -35.55 -4.99
N ARG A 195 -21.35 -36.46 -4.48
CA ARG A 195 -21.60 -36.44 -3.05
C ARG A 195 -21.25 -37.73 -2.32
N PRO A 196 -20.11 -38.41 -2.61
CA PRO A 196 -19.66 -39.44 -1.66
C PRO A 196 -18.55 -38.98 -0.74
N HIS A 197 -17.92 -37.84 -1.05
CA HIS A 197 -16.80 -37.35 -0.26
C HIS A 197 -16.76 -35.83 -0.16
N LEU A 198 -17.92 -35.17 -0.18
CA LEU A 198 -17.92 -33.72 0.04
C LEU A 198 -17.33 -33.41 1.41
N SER A 199 -16.54 -32.35 1.47
CA SER A 199 -15.71 -32.08 2.64
C SER A 199 -16.53 -31.90 3.92
N THR A 200 -16.35 -32.81 4.87
CA THR A 200 -17.01 -32.70 6.17
C THR A 200 -16.30 -31.73 7.11
N LYS A 201 -15.07 -31.35 6.79
CA LYS A 201 -14.29 -30.46 7.64
C LYS A 201 -14.55 -28.99 7.26
N ASN A 202 -14.00 -28.09 8.07
CA ASN A 202 -14.14 -26.66 7.87
C ASN A 202 -13.13 -26.18 6.85
N LYS A 203 -13.61 -25.42 5.85
CA LYS A 203 -12.75 -24.88 4.81
C LYS A 203 -13.52 -23.74 4.16
N ARG A 204 -13.04 -23.23 3.03
CA ARG A 204 -13.71 -22.16 2.33
C ARG A 204 -14.89 -22.67 1.53
N ILE A 205 -15.93 -21.86 1.45
CA ILE A 205 -17.02 -22.09 0.51
C ILE A 205 -16.86 -21.08 -0.62
N ARG A 206 -16.38 -21.56 -1.76
CA ARG A 206 -16.40 -20.76 -2.98
C ARG A 206 -17.83 -20.77 -3.48
N LYS A 207 -18.05 -20.18 -4.65
CA LYS A 207 -19.38 -20.11 -5.21
C LYS A 207 -19.35 -20.51 -6.68
N TRP A 208 -20.50 -20.44 -7.34
CA TRP A 208 -20.56 -20.77 -8.76
C TRP A 208 -19.69 -19.80 -9.54
N TYR A 209 -19.69 -18.53 -9.14
CA TYR A 209 -18.93 -17.52 -9.87
C TYR A 209 -17.46 -17.43 -9.47
N ALA A 210 -16.97 -18.35 -8.66
CA ALA A 210 -15.55 -18.28 -8.34
C ALA A 210 -14.70 -18.61 -9.56
N ARG A 211 -13.62 -17.83 -9.76
CA ARG A 211 -12.76 -18.02 -10.92
C ARG A 211 -11.77 -19.17 -10.77
N ALA A 212 -11.57 -19.68 -9.55
CA ALA A 212 -10.79 -20.91 -9.41
C ALA A 212 -11.52 -22.08 -10.06
N ASN A 213 -12.84 -21.97 -10.20
CA ASN A 213 -13.66 -23.04 -10.80
C ASN A 213 -13.76 -22.96 -12.31
N TRP A 214 -13.31 -21.86 -12.89
CA TRP A 214 -13.47 -21.66 -14.32
C TRP A 214 -12.18 -21.37 -15.06
N ARG A 215 -11.03 -21.47 -14.40
CA ARG A 215 -9.76 -21.24 -15.08
C ARG A 215 -9.53 -22.28 -16.16
N ARG A 216 -8.84 -21.85 -17.22
CA ARG A 216 -8.57 -22.73 -18.35
C ARG A 216 -7.43 -23.70 -18.12
N LYS A 217 -7.77 -24.94 -17.82
CA LYS A 217 -6.76 -25.98 -17.71
C LYS A 217 -7.24 -27.19 -18.50
N PRO A 218 -6.32 -28.04 -18.96
CA PRO A 218 -6.70 -29.04 -19.98
C PRO A 218 -7.80 -30.00 -19.55
N GLY A 219 -7.99 -30.25 -18.26
CA GLY A 219 -9.01 -31.17 -17.82
C GLY A 219 -10.38 -30.53 -17.67
N ARG A 220 -10.55 -29.33 -18.20
CA ARG A 220 -11.76 -28.55 -17.99
C ARG A 220 -12.30 -28.10 -19.34
N LYS A 221 -13.63 -28.11 -19.48
CA LYS A 221 -14.25 -27.94 -20.79
C LYS A 221 -15.37 -26.90 -20.81
N SER A 222 -15.62 -26.20 -19.70
CA SER A 222 -16.63 -25.14 -19.65
C SER A 222 -16.01 -23.82 -19.22
N VAL A 223 -14.88 -23.44 -19.82
CA VAL A 223 -14.00 -22.48 -19.19
C VAL A 223 -14.43 -21.04 -19.42
N LEU A 224 -14.50 -20.28 -18.33
CA LEU A 224 -14.41 -18.83 -18.33
C LEU A 224 -15.44 -18.15 -19.24
N ASP A 225 -16.71 -18.25 -18.85
CA ASP A 225 -17.67 -17.26 -19.32
C ASP A 225 -17.19 -15.88 -18.88
N GLU A 226 -16.98 -15.00 -19.86
CA GLU A 226 -16.15 -13.82 -19.63
C GLU A 226 -16.74 -12.88 -18.58
N ALA A 227 -18.05 -12.63 -18.66
CA ALA A 227 -18.68 -11.64 -17.79
C ALA A 227 -19.53 -12.23 -16.69
N LYS A 228 -19.85 -13.52 -16.75
CA LYS A 228 -20.80 -14.10 -15.80
C LYS A 228 -20.23 -14.14 -14.39
N LEU A 229 -18.99 -14.61 -14.25
CA LEU A 229 -18.35 -14.65 -12.94
C LEU A 229 -18.17 -13.24 -12.37
N LYS A 230 -17.76 -12.30 -13.22
CA LYS A 230 -17.58 -10.92 -12.75
C LYS A 230 -18.90 -10.32 -12.28
N GLU A 231 -19.97 -10.55 -13.04
CA GLU A 231 -21.27 -10.03 -12.64
C GLU A 231 -21.73 -10.63 -11.32
N ALA A 232 -21.58 -11.94 -11.16
CA ALA A 232 -22.05 -12.55 -9.92
C ALA A 232 -21.10 -12.31 -8.74
N ALA A 233 -19.89 -11.84 -8.99
CA ALA A 233 -19.07 -11.31 -7.90
C ALA A 233 -19.49 -9.90 -7.52
N LEU A 234 -19.89 -9.09 -8.51
CA LEU A 234 -20.29 -7.72 -8.23
C LEU A 234 -21.68 -7.64 -7.60
N LYS A 235 -22.55 -8.59 -7.89
CA LYS A 235 -23.90 -8.59 -7.32
C LYS A 235 -23.79 -8.52 -5.81
N GLU A 236 -23.08 -9.48 -5.22
CA GLU A 236 -22.85 -9.53 -3.78
C GLU A 236 -21.51 -8.87 -3.52
N ALA A 237 -21.52 -7.55 -3.49
CA ALA A 237 -20.34 -6.75 -3.21
C ALA A 237 -20.53 -6.06 -1.88
N ILE A 238 -19.47 -5.95 -1.10
CA ILE A 238 -19.54 -5.21 0.15
C ILE A 238 -18.76 -3.96 -0.15
N PRO A 239 -19.44 -2.85 -0.57
CA PRO A 239 -18.60 -1.70 -0.96
C PRO A 239 -18.18 -0.73 0.14
N ILE A 240 -16.97 -0.20 0.03
CA ILE A 240 -16.49 0.80 0.99
C ILE A 240 -15.91 1.96 0.18
N ILE A 241 -16.22 3.19 0.52
CA ILE A 241 -15.85 4.26 -0.39
C ILE A 241 -14.90 5.26 0.26
N VAL A 242 -13.63 5.16 -0.08
CA VAL A 242 -12.67 6.14 0.46
C VAL A 242 -12.77 7.33 -0.47
N THR A 243 -13.03 8.52 0.05
CA THR A 243 -13.22 9.68 -0.81
C THR A 243 -12.23 10.81 -0.56
N ILE A 244 -11.25 10.98 -1.45
CA ILE A 244 -10.26 12.03 -1.28
C ILE A 244 -10.58 13.14 -2.26
N GLY A 245 -11.01 14.29 -1.75
CA GLY A 245 -11.40 15.36 -2.66
C GLY A 245 -12.65 15.01 -3.43
N LYS A 246 -12.62 15.26 -4.73
CA LYS A 246 -13.72 14.95 -5.62
C LYS A 246 -13.63 13.54 -6.19
N ASP A 247 -12.66 12.76 -5.74
CA ASP A 247 -12.45 11.41 -6.24
C ASP A 247 -12.84 10.40 -5.16
N TRP A 248 -13.28 9.24 -5.64
CA TRP A 248 -13.72 8.18 -4.74
C TRP A 248 -13.23 6.82 -5.18
N ILE A 249 -12.89 5.97 -4.23
CA ILE A 249 -12.46 4.60 -4.50
C ILE A 249 -13.47 3.68 -3.84
N VAL A 250 -14.28 3.00 -4.65
CA VAL A 250 -15.26 2.05 -4.14
C VAL A 250 -14.60 0.68 -4.14
N MET A 251 -14.57 0.05 -2.98
CA MET A 251 -13.74 -1.12 -2.73
C MET A 251 -14.64 -2.34 -2.58
N ASP A 252 -14.02 -3.46 -2.22
CA ASP A 252 -14.74 -4.73 -2.06
C ASP A 252 -14.25 -5.37 -0.76
N ALA A 253 -15.04 -5.24 0.31
CA ALA A 253 -14.60 -5.68 1.62
C ALA A 253 -14.56 -7.18 1.77
N ARG A 254 -14.97 -7.92 0.75
CA ARG A 254 -14.98 -9.38 0.82
C ARG A 254 -13.59 -9.92 1.09
N GLY A 255 -12.57 -9.33 0.48
CA GLY A 255 -11.20 -9.70 0.80
C GLY A 255 -10.86 -9.46 2.25
N LEU A 256 -11.38 -8.37 2.83
CA LEU A 256 -11.24 -8.12 4.25
C LEU A 256 -12.07 -9.08 5.08
N LEU A 257 -13.24 -9.46 4.57
CA LEU A 257 -14.08 -10.40 5.29
C LEU A 257 -13.38 -11.76 5.41
N ARG A 258 -12.75 -12.21 4.34
CA ARG A 258 -12.06 -13.49 4.37
C ARG A 258 -10.93 -13.48 5.38
N ALA A 259 -10.18 -12.39 5.46
CA ALA A 259 -9.01 -12.34 6.33
C ALA A 259 -9.41 -12.50 7.79
N VAL A 260 -10.46 -11.79 8.22
CA VAL A 260 -10.91 -11.95 9.59
C VAL A 260 -11.55 -13.32 9.79
N TYR A 261 -12.13 -13.88 8.75
CA TYR A 261 -12.80 -15.19 8.87
C TYR A 261 -11.82 -16.33 9.10
N TRP A 262 -10.73 -16.37 8.34
CA TRP A 262 -9.81 -17.48 8.45
C TRP A 262 -8.72 -17.26 9.49
N ARG A 263 -8.64 -16.08 10.10
CA ARG A 263 -7.60 -15.80 11.09
C ARG A 263 -8.12 -15.88 12.52
N GLY A 264 -9.30 -16.48 12.74
CA GLY A 264 -9.80 -16.75 14.06
C GLY A 264 -10.08 -15.53 14.90
N ILE A 265 -10.76 -14.54 14.33
CA ILE A 265 -11.11 -13.31 15.02
C ILE A 265 -12.63 -13.19 15.22
N ALA A 266 -13.40 -13.28 14.14
CA ALA A 266 -14.85 -13.20 14.23
C ALA A 266 -15.46 -14.35 13.43
N LYS A 267 -16.39 -15.07 14.07
CA LYS A 267 -17.05 -16.21 13.42
C LYS A 267 -18.48 -15.90 13.10
N PRO A 268 -18.73 -15.30 11.94
CA PRO A 268 -20.07 -14.98 11.50
C PRO A 268 -20.76 -13.90 12.29
N GLY A 269 -20.03 -13.04 12.99
CA GLY A 269 -20.62 -11.97 13.79
C GLY A 269 -19.83 -10.68 13.57
N LEU A 270 -20.30 -9.84 12.65
CA LEU A 270 -19.65 -8.56 12.36
C LEU A 270 -20.51 -7.77 11.38
N SER A 271 -20.23 -6.49 11.22
CA SER A 271 -21.02 -5.65 10.32
C SER A 271 -20.08 -4.66 9.68
N LEU A 272 -20.57 -3.82 8.76
CA LEU A 272 -19.66 -2.80 8.24
C LEU A 272 -19.55 -1.63 9.21
N LYS A 273 -19.39 -1.96 10.47
CA LYS A 273 -18.91 -1.07 11.52
C LYS A 273 -17.82 -1.73 12.34
N GLU A 274 -17.93 -3.03 12.59
CA GLU A 274 -16.91 -3.76 13.33
C GLU A 274 -15.88 -4.35 12.40
N LEU A 275 -16.26 -4.68 11.16
CA LEU A 275 -15.31 -5.20 10.20
C LEU A 275 -14.19 -4.20 9.95
N LEU A 276 -14.56 -3.01 9.48
CA LEU A 276 -13.57 -1.96 9.26
C LEU A 276 -12.85 -1.59 10.55
N GLY A 277 -13.47 -1.86 11.69
CA GLY A 277 -12.83 -1.58 12.96
C GLY A 277 -11.58 -2.43 13.19
N PHE A 278 -11.59 -3.66 12.70
CA PHE A 278 -10.40 -4.50 12.77
C PHE A 278 -9.24 -3.94 11.96
N SER A 280 -6.85 -0.91 10.24
CA SER A 280 -6.41 0.47 10.35
C SER A 280 -6.93 1.28 9.17
N GLY A 281 -7.42 2.48 9.47
CA GLY A 281 -8.01 3.33 8.45
C GLY A 281 -6.99 4.11 7.65
N ASP A 282 -5.80 3.53 7.48
CA ASP A 282 -4.73 4.16 6.69
C ASP A 282 -4.28 3.19 5.55
N PRO A 283 -5.15 2.92 4.52
CA PRO A 283 -4.80 1.96 3.47
C PRO A 283 -3.67 2.46 2.58
N VAL A 284 -2.96 1.51 1.99
CA VAL A 284 -1.92 1.78 1.01
C VAL A 284 -2.42 1.30 -0.34
N LEU A 285 -2.68 2.23 -1.25
CA LEU A 285 -3.22 1.91 -2.57
C LEU A 285 -2.07 1.81 -3.57
N ASP A 286 -2.08 0.74 -4.37
CA ASP A 286 -1.08 0.54 -5.41
C ASP A 286 -1.76 0.65 -6.77
N PRO A 287 -1.61 1.78 -7.47
CA PRO A 287 -2.42 2.01 -8.68
C PRO A 287 -2.20 0.98 -9.78
N LYS A 288 -0.98 0.45 -9.92
CA LYS A 288 -0.69 -0.43 -11.05
C LYS A 288 -1.53 -1.70 -11.00
N ARG A 289 -1.68 -2.29 -9.82
CA ARG A 289 -2.31 -3.60 -9.71
C ARG A 289 -3.82 -3.53 -9.53
N GLY A 290 -4.40 -2.34 -9.40
CA GLY A 290 -5.81 -2.25 -9.09
C GLY A 290 -6.15 -2.87 -7.77
N ILE A 291 -5.34 -2.60 -6.74
CA ILE A 291 -5.41 -3.28 -5.46
C ILE A 291 -5.41 -2.23 -4.35
N ALA A 292 -5.91 -2.64 -3.19
CA ALA A 292 -5.80 -1.88 -1.97
C ALA A 292 -5.27 -2.78 -0.86
N THR A 293 -4.50 -2.19 0.04
CA THR A 293 -3.88 -2.95 1.13
C THR A 293 -4.33 -2.36 2.46
N PHE A 294 -4.70 -3.24 3.39
CA PHE A 294 -5.20 -2.85 4.69
C PHE A 294 -4.37 -3.50 5.79
N THR A 295 -4.17 -2.76 6.86
CA THR A 295 -3.48 -3.25 8.04
C THR A 295 -4.54 -3.70 9.05
N PHE A 296 -4.12 -4.36 10.13
CA PHE A 296 -4.99 -4.71 11.24
C PHE A 296 -4.73 -3.79 12.42
N LYS A 297 -5.36 -4.14 13.54
CA LYS A 297 -5.02 -3.56 14.83
C LYS A 297 -3.73 -4.19 15.37
N LEU A 298 -3.41 -3.83 16.61
CA LEU A 298 -2.23 -4.36 17.28
C LEU A 298 -2.60 -5.67 17.98
N GLY A 299 -2.78 -6.71 17.18
CA GLY A 299 -3.07 -8.03 17.70
C GLY A 299 -4.34 -8.65 17.17
#